data_6C7Y
#
_entry.id   6C7Y
#
_cell.length_a   83.926
_cell.length_b   83.926
_cell.length_c   161.438
_cell.angle_alpha   90.000
_cell.angle_beta   90.000
_cell.angle_gamma   90.000
#
_symmetry.space_group_name_H-M   'P 41 21 2'
#
loop_
_entity.id
_entity.type
_entity.pdbx_description
1 polymer 'Tyrosine-protein kinase JAK1'
2 polymer 'Suppressor of cytokine signaling 1'
3 non-polymer "ADENOSINE-5'-DIPHOSPHATE"
4 non-polymer 'MAGNESIUM ION'
5 non-polymer 1,2-ETHANEDIOL
6 non-polymer 'ACETATE ION'
7 water water
#
loop_
_entity_poly.entity_id
_entity_poly.type
_entity_poly.pdbx_seq_one_letter_code
_entity_poly.pdbx_strand_id
1 'polypeptide(L)'
;AHFEKRFLKRIRDLGEGHFGKVELCRYDPEGDNTGEQVAVKSLKPESGGNHIADLKKEIEILRNLYHENIVKYKGICTED
GGNGIKLIMEFLPSGSLKEYLPKNKNKINLKQQLKYAVQICKGMDYLGSRQYVHRDLAARNVLVESEHQVKIGDFGLTKA
IETDKEY(PTR)TVKDDRDSPVFWYAPECLMQSKFYIASDVWSFGVTLHELLTYCDSDSSPMALFLKMIGPTHGQMTVTR
LVNTLKEGKRLPCPPNCPDEVYQLMRKCWEFQPSNRTSFQNLIEGFEALL
;
A
2 'polypeptide(L)'
;STHFRTFRSQADFSSITRASSLLDACGFYWGPLTVSAAHEKLKSEPEGTFLIRDSTQKNCFFAISVKTATGPTSIRINFQ
TGRFSLDGSKETFDCLFKLLEHYLSSPRKVLVTPLRK
;
B
#
loop_
_chem_comp.id
_chem_comp.type
_chem_comp.name
_chem_comp.formula
ACT non-polymer 'ACETATE ION' 'C2 H3 O2 -1'
ADP non-polymer ADENOSINE-5'-DIPHOSPHATE 'C10 H15 N5 O10 P2'
EDO non-polymer 1,2-ETHANEDIOL 'C2 H6 O2'
MG non-polymer 'MAGNESIUM ION' 'Mg 2'
#
# COMPACT_ATOMS: atom_id res chain seq x y z
N ALA A 1 6.78 33.17 1.42
CA ALA A 1 6.44 31.76 1.33
C ALA A 1 5.02 31.58 0.80
N HIS A 2 4.43 32.67 0.30
CA HIS A 2 3.07 32.67 -0.23
C HIS A 2 3.12 33.00 -1.71
N PHE A 3 2.86 32.00 -2.55
CA PHE A 3 2.86 32.18 -3.99
C PHE A 3 1.46 32.51 -4.48
N GLU A 4 1.36 33.46 -5.40
CA GLU A 4 0.10 33.87 -5.97
C GLU A 4 -0.28 32.95 -7.13
N LYS A 5 -1.56 32.58 -7.20
CA LYS A 5 -2.04 31.72 -8.27
C LYS A 5 -2.08 32.43 -9.60
N ARG A 6 -2.01 33.75 -9.62
CA ARG A 6 -2.07 34.51 -10.86
C ARG A 6 -0.76 34.52 -11.62
N PHE A 7 0.34 34.06 -11.02
CA PHE A 7 1.65 34.04 -11.66
C PHE A 7 2.18 32.64 -11.89
N LEU A 8 1.38 31.62 -11.59
CA LEU A 8 1.78 30.24 -11.87
C LEU A 8 1.67 29.97 -13.37
N LYS A 9 2.63 29.21 -13.90
CA LYS A 9 2.70 28.96 -15.34
C LYS A 9 1.81 27.81 -15.79
N ARG A 10 1.77 26.71 -15.03
CA ARG A 10 1.03 25.50 -15.41
C ARG A 10 1.50 24.99 -16.78
N ILE A 11 2.75 24.55 -16.79
CA ILE A 11 3.40 24.09 -18.01
C ILE A 11 2.82 22.75 -18.44
N ARG A 12 3.17 21.68 -17.71
CA ARG A 12 2.71 20.34 -18.04
C ARG A 12 2.54 19.56 -16.74
N ASP A 13 2.31 18.26 -16.87
CA ASP A 13 2.17 17.36 -15.74
C ASP A 13 3.46 16.60 -15.51
N LEU A 14 3.73 16.28 -14.25
CA LEU A 14 4.93 15.56 -13.85
C LEU A 14 4.66 14.11 -13.48
N GLY A 15 3.66 13.86 -12.66
CA GLY A 15 3.34 12.51 -12.24
C GLY A 15 2.04 12.44 -11.46
N GLU A 16 1.39 11.27 -11.48
CA GLU A 16 0.13 11.08 -10.78
C GLU A 16 0.30 9.97 -9.76
N GLY A 17 -0.04 10.27 -8.50
CA GLY A 17 -0.04 9.29 -7.44
C GLY A 17 -1.44 8.78 -7.13
N HIS A 18 -1.51 7.93 -6.11
CA HIS A 18 -2.80 7.39 -5.68
C HIS A 18 -3.65 8.43 -4.96
N PHE A 19 -3.06 9.55 -4.54
CA PHE A 19 -3.77 10.54 -3.76
C PHE A 19 -3.85 11.92 -4.40
N GLY A 20 -2.89 12.28 -5.25
CA GLY A 20 -2.90 13.60 -5.86
C GLY A 20 -2.15 13.62 -7.17
N LYS A 21 -2.11 14.80 -7.78
CA LYS A 21 -1.44 15.03 -9.05
C LYS A 21 -0.37 16.10 -8.88
N VAL A 22 0.73 15.95 -9.61
CA VAL A 22 1.86 16.88 -9.55
C VAL A 22 2.08 17.44 -10.95
N GLU A 23 2.20 18.75 -11.04
CA GLU A 23 2.40 19.44 -12.31
C GLU A 23 3.62 20.35 -12.20
N LEU A 24 4.21 20.65 -13.36
CA LEU A 24 5.37 21.52 -13.46
C LEU A 24 4.90 22.93 -13.82
N CYS A 25 5.40 23.93 -13.08
CA CYS A 25 5.01 25.31 -13.27
C CYS A 25 6.23 26.21 -13.12
N ARG A 26 6.02 27.50 -13.34
CA ARG A 26 7.05 28.51 -13.17
C ARG A 26 6.40 29.77 -12.62
N TYR A 27 7.10 30.45 -11.71
CA TYR A 27 6.58 31.66 -11.07
C TYR A 27 7.71 32.52 -10.51
N GLY A 31 5.32 37.67 -17.60
CA GLY A 31 5.64 37.37 -18.98
C GLY A 31 7.14 37.28 -19.23
N ASP A 32 7.93 37.71 -18.26
CA ASP A 32 9.39 37.67 -18.37
C ASP A 32 9.95 36.26 -18.21
N ASN A 33 9.16 35.31 -17.73
CA ASN A 33 9.60 33.93 -17.51
C ASN A 33 10.82 33.85 -16.59
N THR A 34 10.97 34.85 -15.70
CA THR A 34 12.08 34.84 -14.77
C THR A 34 11.89 33.84 -13.64
N GLY A 35 10.70 33.23 -13.52
CA GLY A 35 10.47 32.27 -12.47
C GLY A 35 11.09 30.92 -12.79
N GLU A 36 11.59 30.26 -11.75
CA GLU A 36 12.20 28.95 -11.90
C GLU A 36 11.14 27.86 -11.97
N GLN A 37 11.59 26.66 -12.32
CA GLN A 37 10.68 25.52 -12.41
C GLN A 37 10.30 25.04 -11.01
N VAL A 38 9.02 24.76 -10.82
CA VAL A 38 8.51 24.33 -9.52
C VAL A 38 7.49 23.21 -9.74
N ALA A 39 7.42 22.30 -8.77
CA ALA A 39 6.47 21.20 -8.80
C ALA A 39 5.32 21.52 -7.87
N VAL A 40 4.11 21.55 -8.42
CA VAL A 40 2.90 21.90 -7.67
C VAL A 40 2.07 20.64 -7.50
N LYS A 41 1.68 20.34 -6.27
CA LYS A 41 0.90 19.15 -5.94
C LYS A 41 -0.51 19.59 -5.55
N SER A 42 -1.50 19.14 -6.31
CA SER A 42 -2.90 19.45 -6.06
C SER A 42 -3.60 18.24 -5.43
N LEU A 43 -4.85 18.47 -5.00
CA LEU A 43 -5.57 17.44 -4.25
C LEU A 43 -5.98 16.28 -5.15
N LYS A 44 -6.63 16.59 -6.28
CA LYS A 44 -7.14 15.57 -7.20
C LYS A 44 -8.08 14.62 -6.48
N PRO A 45 -9.33 15.02 -6.21
CA PRO A 45 -10.30 14.18 -5.51
C PRO A 45 -10.79 13.00 -6.35
N HIS A 51 -8.16 13.99 2.18
CA HIS A 51 -8.67 15.01 1.28
C HIS A 51 -8.02 16.37 1.53
N ILE A 52 -8.84 17.40 1.70
CA ILE A 52 -8.33 18.76 1.90
C ILE A 52 -7.56 18.85 3.21
N ALA A 53 -8.02 18.13 4.24
CA ALA A 53 -7.35 18.20 5.53
C ALA A 53 -6.03 17.44 5.53
N ASP A 54 -5.89 16.45 4.66
CA ASP A 54 -4.67 15.65 4.64
C ASP A 54 -3.51 16.40 3.99
N LEU A 55 -3.80 17.26 3.00
CA LEU A 55 -2.73 17.98 2.33
C LEU A 55 -2.11 19.04 3.25
N LYS A 56 -2.93 19.67 4.09
CA LYS A 56 -2.39 20.62 5.06
C LYS A 56 -1.48 19.93 6.07
N LYS A 57 -1.80 18.70 6.45
CA LYS A 57 -0.94 17.95 7.35
C LYS A 57 0.38 17.58 6.66
N GLU A 58 0.32 17.25 5.38
CA GLU A 58 1.54 16.91 4.63
C GLU A 58 2.46 18.11 4.52
N ILE A 59 1.90 19.31 4.35
CA ILE A 59 2.73 20.51 4.25
C ILE A 59 3.40 20.81 5.58
N GLU A 60 2.67 20.66 6.69
CA GLU A 60 3.27 20.92 8.00
C GLU A 60 4.38 19.93 8.31
N ILE A 61 4.32 18.72 7.74
CA ILE A 61 5.39 17.76 7.92
C ILE A 61 6.61 18.14 7.09
N LEU A 62 6.39 18.47 5.81
CA LEU A 62 7.51 18.80 4.93
C LEU A 62 8.22 20.08 5.39
N ARG A 63 7.47 21.05 5.91
CA ARG A 63 8.07 22.27 6.41
C ARG A 63 8.87 22.05 7.68
N ASN A 64 8.61 20.95 8.39
CA ASN A 64 9.37 20.60 9.59
C ASN A 64 10.64 19.83 9.28
N LEU A 65 10.79 19.29 8.07
CA LEU A 65 11.95 18.51 7.69
C LEU A 65 12.94 19.37 6.92
N TYR A 66 14.23 19.11 7.15
CA TYR A 66 15.30 19.86 6.48
C TYR A 66 16.52 18.94 6.42
N HIS A 67 16.59 18.13 5.37
CA HIS A 67 17.68 17.18 5.19
C HIS A 67 18.11 17.20 3.73
N GLU A 68 19.36 16.76 3.50
CA GLU A 68 19.91 16.79 2.15
C GLU A 68 19.18 15.82 1.23
N ASN A 69 18.75 14.67 1.76
CA ASN A 69 18.08 13.64 0.97
C ASN A 69 16.56 13.68 1.14
N ILE A 70 15.99 14.87 1.31
CA ILE A 70 14.56 15.06 1.42
C ILE A 70 14.17 16.26 0.56
N VAL A 71 13.05 16.15 -0.15
CA VAL A 71 12.61 17.22 -1.05
C VAL A 71 12.40 18.49 -0.26
N LYS A 72 12.94 19.60 -0.77
CA LYS A 72 12.85 20.89 -0.09
C LYS A 72 11.46 21.48 -0.24
N TYR A 73 10.97 22.07 0.84
CA TYR A 73 9.68 22.75 0.83
C TYR A 73 9.84 24.17 0.29
N LYS A 74 8.87 24.61 -0.50
CA LYS A 74 8.91 25.92 -1.14
C LYS A 74 7.85 26.86 -0.58
N GLY A 75 6.59 26.64 -0.90
CA GLY A 75 5.54 27.53 -0.42
C GLY A 75 4.17 26.90 -0.53
N ILE A 76 3.15 27.76 -0.51
CA ILE A 76 1.76 27.34 -0.56
C ILE A 76 0.98 28.29 -1.46
N CYS A 77 0.07 27.72 -2.25
CA CYS A 77 -0.82 28.49 -3.13
C CYS A 77 -2.24 28.33 -2.63
N THR A 78 -2.77 29.40 -2.04
CA THR A 78 -4.15 29.39 -1.56
C THR A 78 -5.12 29.52 -2.73
N GLU A 79 -6.42 29.52 -2.42
CA GLU A 79 -7.44 29.66 -3.44
C GLU A 79 -8.44 30.75 -3.06
N GLY A 84 -9.10 26.01 -1.29
CA GLY A 84 -8.14 25.00 -1.65
C GLY A 84 -6.69 25.43 -1.43
N ILE A 85 -5.80 24.45 -1.34
CA ILE A 85 -4.38 24.70 -1.09
C ILE A 85 -3.56 23.84 -2.03
N LYS A 86 -2.52 24.43 -2.61
CA LYS A 86 -1.58 23.72 -3.47
C LYS A 86 -0.19 23.76 -2.86
N LEU A 87 0.49 22.63 -2.88
CA LEU A 87 1.83 22.50 -2.31
C LEU A 87 2.87 22.75 -3.40
N ILE A 88 3.80 23.66 -3.13
CA ILE A 88 4.90 23.97 -4.03
C ILE A 88 6.18 23.43 -3.43
N MET A 89 7.02 22.84 -4.27
CA MET A 89 8.27 22.25 -3.82
C MET A 89 9.28 22.32 -4.97
N GLU A 90 10.53 22.00 -4.66
CA GLU A 90 11.58 22.02 -5.67
C GLU A 90 11.34 20.94 -6.73
N PHE A 91 11.71 21.27 -7.96
CA PHE A 91 11.51 20.37 -9.10
C PHE A 91 12.80 19.63 -9.40
N LEU A 92 12.76 18.31 -9.29
CA LEU A 92 13.90 17.47 -9.65
C LEU A 92 13.66 16.90 -11.04
N PRO A 93 14.49 17.23 -12.02
CA PRO A 93 14.16 16.88 -13.42
C PRO A 93 14.11 15.39 -13.69
N SER A 94 14.95 14.60 -13.04
CA SER A 94 15.04 13.17 -13.34
C SER A 94 13.85 12.37 -12.84
N GLY A 95 12.86 13.01 -12.21
CA GLY A 95 11.69 12.29 -11.75
C GLY A 95 12.02 11.32 -10.62
N SER A 96 11.23 10.26 -10.53
CA SER A 96 11.40 9.23 -9.52
C SER A 96 12.23 8.07 -10.07
N LEU A 97 12.67 7.20 -9.15
CA LEU A 97 13.40 6.01 -9.58
C LEU A 97 12.53 5.08 -10.41
N LYS A 98 11.21 5.13 -10.21
CA LYS A 98 10.30 4.34 -11.04
C LYS A 98 10.40 4.72 -12.50
N GLU A 99 10.77 5.96 -12.79
CA GLU A 99 10.92 6.45 -14.15
C GLU A 99 12.37 6.65 -14.56
N TYR A 100 13.28 6.88 -13.61
CA TYR A 100 14.68 7.15 -13.94
C TYR A 100 15.46 5.86 -14.18
N LEU A 101 15.16 4.81 -13.40
CA LEU A 101 15.93 3.58 -13.54
C LEU A 101 15.64 2.84 -14.85
N PRO A 102 14.40 2.67 -15.30
CA PRO A 102 14.19 1.96 -16.58
C PRO A 102 14.80 2.66 -17.78
N LYS A 103 15.11 3.95 -17.68
CA LYS A 103 15.68 4.69 -18.80
C LYS A 103 17.20 4.77 -18.75
N ASN A 104 17.82 4.38 -17.64
CA ASN A 104 19.28 4.43 -17.49
C ASN A 104 19.79 3.12 -16.93
N LYS A 105 19.47 2.01 -17.61
CA LYS A 105 19.84 0.69 -17.10
C LYS A 105 21.33 0.42 -17.32
N ASN A 106 21.88 0.90 -18.44
CA ASN A 106 23.29 0.72 -18.74
C ASN A 106 24.18 1.82 -18.15
N LYS A 107 23.59 2.83 -17.51
CA LYS A 107 24.33 3.93 -16.93
C LYS A 107 24.56 3.78 -15.43
N ILE A 108 23.55 3.29 -14.70
CA ILE A 108 23.64 3.16 -13.25
C ILE A 108 24.13 1.75 -12.93
N ASN A 109 25.35 1.66 -12.42
CA ASN A 109 25.94 0.37 -12.06
C ASN A 109 25.59 0.03 -10.61
N LEU A 110 26.26 -0.98 -10.06
CA LEU A 110 25.95 -1.42 -8.70
C LEU A 110 26.44 -0.42 -7.67
N LYS A 111 27.62 0.18 -7.89
CA LYS A 111 28.14 1.15 -6.94
C LYS A 111 27.24 2.37 -6.84
N GLN A 112 26.66 2.80 -7.97
CA GLN A 112 25.73 3.93 -7.93
C GLN A 112 24.43 3.55 -7.24
N GLN A 113 24.01 2.29 -7.36
CA GLN A 113 22.81 1.85 -6.65
C GLN A 113 23.03 1.84 -5.14
N LEU A 114 24.17 1.29 -4.70
CA LEU A 114 24.49 1.32 -3.28
C LEU A 114 24.64 2.74 -2.76
N LYS A 115 25.08 3.66 -3.62
CA LYS A 115 25.13 5.07 -3.24
C LYS A 115 23.73 5.63 -3.04
N TYR A 116 22.78 5.21 -3.88
CA TYR A 116 21.39 5.61 -3.68
C TYR A 116 20.83 5.01 -2.39
N ALA A 117 21.18 3.75 -2.10
CA ALA A 117 20.68 3.10 -0.90
C ALA A 117 21.19 3.78 0.36
N VAL A 118 22.42 4.31 0.34
CA VAL A 118 22.95 5.01 1.50
C VAL A 118 22.21 6.33 1.71
N GLN A 119 21.96 7.07 0.62
CA GLN A 119 21.26 8.35 0.74
C GLN A 119 19.83 8.16 1.24
N ILE A 120 19.16 7.10 0.80
CA ILE A 120 17.80 6.85 1.26
C ILE A 120 17.80 6.50 2.74
N CYS A 121 18.78 5.73 3.19
CA CYS A 121 18.85 5.37 4.61
C CYS A 121 19.14 6.58 5.47
N LYS A 122 20.07 7.45 5.05
CA LYS A 122 20.36 8.65 5.81
C LYS A 122 19.16 9.57 5.90
N GLY A 123 18.36 9.64 4.81
CA GLY A 123 17.15 10.43 4.87
C GLY A 123 16.09 9.81 5.74
N MET A 124 15.93 8.48 5.67
CA MET A 124 14.96 7.80 6.51
C MET A 124 15.38 7.83 7.98
N ASP A 125 16.68 7.69 8.25
CA ASP A 125 17.14 7.72 9.63
C ASP A 125 16.91 9.09 10.26
N TYR A 126 17.11 10.16 9.49
CA TYR A 126 16.76 11.49 9.97
C TYR A 126 15.25 11.62 10.17
N LEU A 127 14.47 11.01 9.28
CA LEU A 127 13.01 11.04 9.43
C LEU A 127 12.58 10.33 10.70
N GLY A 128 13.26 9.23 11.05
CA GLY A 128 12.94 8.52 12.27
C GLY A 128 13.37 9.25 13.52
N SER A 129 14.43 10.06 13.42
CA SER A 129 14.87 10.85 14.57
C SER A 129 13.85 11.91 14.97
N ARG A 130 12.97 12.30 14.05
CA ARG A 130 11.89 13.23 14.34
C ARG A 130 10.56 12.51 14.57
N GLN A 131 10.60 11.23 14.96
CA GLN A 131 9.43 10.44 15.32
C GLN A 131 8.48 10.23 14.16
N TYR A 132 8.94 10.43 12.92
CA TYR A 132 8.10 10.29 11.74
C TYR A 132 8.32 8.93 11.10
N VAL A 133 7.23 8.24 10.77
CA VAL A 133 7.26 7.03 9.97
C VAL A 133 6.64 7.35 8.62
N HIS A 134 7.37 7.05 7.55
CA HIS A 134 6.98 7.52 6.22
C HIS A 134 5.68 6.86 5.75
N ARG A 135 5.60 5.54 5.90
CA ARG A 135 4.43 4.72 5.55
C ARG A 135 4.18 4.63 4.05
N ASP A 136 5.13 5.06 3.21
CA ASP A 136 4.98 4.91 1.76
C ASP A 136 6.34 4.96 1.09
N LEU A 137 7.35 4.38 1.72
CA LEU A 137 8.70 4.37 1.18
C LEU A 137 8.76 3.40 0.01
N ALA A 138 8.69 3.93 -1.20
CA ALA A 138 8.76 3.13 -2.41
C ALA A 138 9.58 3.88 -3.45
N ALA A 139 9.98 3.17 -4.51
CA ALA A 139 10.80 3.79 -5.55
C ALA A 139 10.06 4.91 -6.26
N ARG A 140 8.73 4.80 -6.38
CA ARG A 140 7.95 5.84 -7.01
C ARG A 140 7.94 7.15 -6.22
N ASN A 141 8.33 7.09 -4.94
CA ASN A 141 8.37 8.28 -4.09
C ASN A 141 9.80 8.69 -3.75
N VAL A 142 10.80 8.07 -4.38
CA VAL A 142 12.20 8.47 -4.22
C VAL A 142 12.56 9.29 -5.46
N LEU A 143 12.60 10.60 -5.31
CA LEU A 143 12.88 11.48 -6.43
C LEU A 143 14.38 11.58 -6.69
N VAL A 144 14.73 11.76 -7.96
CA VAL A 144 16.11 11.79 -8.41
C VAL A 144 16.47 13.22 -8.77
N GLU A 145 17.44 13.79 -8.06
CA GLU A 145 17.93 15.12 -8.37
C GLU A 145 19.02 15.11 -9.42
N SER A 146 19.97 14.17 -9.32
CA SER A 146 21.04 14.02 -10.30
C SER A 146 21.49 12.56 -10.29
N GLU A 147 22.56 12.28 -11.03
CA GLU A 147 23.08 10.91 -11.07
C GLU A 147 23.61 10.48 -9.70
N HIS A 148 24.06 11.41 -8.88
CA HIS A 148 24.69 11.10 -7.60
C HIS A 148 23.84 11.48 -6.39
N GLN A 149 22.64 12.01 -6.60
CA GLN A 149 21.82 12.50 -5.49
C GLN A 149 20.37 12.13 -5.70
N VAL A 150 19.73 11.62 -4.65
CA VAL A 150 18.30 11.33 -4.64
C VAL A 150 17.71 11.90 -3.36
N LYS A 151 16.40 12.18 -3.42
CA LYS A 151 15.68 12.73 -2.28
C LYS A 151 14.37 11.95 -2.09
N ILE A 152 13.84 12.05 -0.87
CA ILE A 152 12.64 11.32 -0.47
C ILE A 152 11.48 12.31 -0.41
N GLY A 153 10.35 11.93 -1.01
CA GLY A 153 9.17 12.77 -1.01
C GLY A 153 7.90 12.02 -0.67
N ASP A 154 6.75 12.63 -0.96
CA ASP A 154 5.44 12.04 -0.72
C ASP A 154 5.23 11.68 0.75
N PHE A 155 4.79 12.66 1.55
CA PHE A 155 4.54 12.45 2.97
C PHE A 155 3.05 12.48 3.29
N GLY A 156 2.21 12.11 2.32
CA GLY A 156 0.78 12.14 2.53
C GLY A 156 0.29 11.16 3.57
N LEU A 157 1.01 10.05 3.75
CA LEU A 157 0.65 9.04 4.74
C LEU A 157 1.54 9.07 5.97
N THR A 158 2.46 10.02 6.06
CA THR A 158 3.40 10.05 7.18
C THR A 158 2.69 10.34 8.49
N LYS A 159 3.07 9.61 9.54
CA LYS A 159 2.50 9.75 10.85
C LYS A 159 3.60 9.95 11.89
N ALA A 160 3.25 10.60 12.99
CA ALA A 160 4.21 10.93 14.05
C ALA A 160 4.01 9.99 15.22
N ILE A 161 5.06 9.27 15.59
CA ILE A 161 5.04 8.41 16.77
C ILE A 161 5.19 9.27 18.01
N GLU A 162 4.35 9.01 19.02
CA GLU A 162 4.47 9.73 20.28
C GLU A 162 5.82 9.43 20.93
N THR A 163 6.37 10.42 21.63
CA THR A 163 7.72 10.30 22.16
C THR A 163 7.83 9.19 23.20
N ASP A 164 6.73 8.85 23.86
CA ASP A 164 6.73 7.78 24.85
C ASP A 164 6.29 6.44 24.29
N LYS A 165 5.81 6.40 23.05
CA LYS A 165 5.34 5.18 22.41
C LYS A 165 6.40 4.64 21.46
N GLU A 166 6.23 3.36 21.11
CA GLU A 166 7.10 2.68 20.16
C GLU A 166 6.51 2.59 18.76
N TYR A 167 5.20 2.84 18.63
CA TYR A 167 4.53 2.78 17.34
C TYR A 167 3.29 3.67 17.35
N PTR A 168 2.67 3.81 16.19
CA PTR A 168 1.44 4.58 16.07
CA PTR A 168 1.45 4.60 16.04
C PTR A 168 0.39 3.79 15.30
O PTR A 168 0.62 3.34 14.18
CB PTR A 168 1.73 5.93 15.41
CB PTR A 168 1.73 5.91 15.31
CG PTR A 168 0.50 6.73 15.05
CG PTR A 168 0.48 6.70 14.98
CD1 PTR A 168 -0.21 7.43 16.01
CD1 PTR A 168 -0.13 7.50 15.95
CD2 PTR A 168 0.06 6.80 13.73
CD2 PTR A 168 -0.09 6.67 13.71
CE1 PTR A 168 -1.33 8.18 15.67
CE1 PTR A 168 -1.27 8.23 15.66
CE2 PTR A 168 -1.04 7.53 13.38
CE2 PTR A 168 -1.23 7.39 13.42
CZ PTR A 168 -1.75 8.22 14.35
CZ PTR A 168 -1.82 8.17 14.40
OH PTR A 168 -2.80 8.92 14.02
OH PTR A 168 -2.89 8.85 14.11
P PTR A 168 -4.08 8.26 13.29
O1P PTR A 168 -3.67 7.47 12.04
O2P PTR A 168 -5.05 9.38 12.88
O3P PTR A 168 -4.75 7.36 14.25
N THR A 169 -0.77 3.62 15.93
CA THR A 169 -1.86 2.87 15.32
C THR A 169 -2.72 3.79 14.46
N VAL A 170 -2.96 3.38 13.22
CA VAL A 170 -3.67 4.19 12.25
C VAL A 170 -5.15 3.84 12.28
N LYS A 171 -6.01 4.86 12.33
CA LYS A 171 -7.45 4.72 12.21
C LYS A 171 -7.97 5.59 11.07
N ASP A 172 -7.23 5.62 9.96
CA ASP A 172 -7.54 6.53 8.86
C ASP A 172 -8.69 6.05 7.99
N ASP A 173 -8.84 4.74 7.82
CA ASP A 173 -9.75 4.16 6.84
C ASP A 173 -9.44 4.70 5.44
N ARG A 174 -8.17 4.51 5.05
CA ARG A 174 -7.66 4.94 3.77
C ARG A 174 -6.84 3.82 3.14
N ASP A 175 -6.61 3.93 1.84
CA ASP A 175 -5.88 2.91 1.12
C ASP A 175 -4.40 2.95 1.46
N SER A 176 -3.76 1.79 1.38
CA SER A 176 -2.36 1.62 1.75
C SER A 176 -1.62 0.77 0.74
N PRO A 177 -0.36 1.08 0.46
CA PRO A 177 0.46 0.21 -0.42
C PRO A 177 0.90 -1.06 0.30
N VAL A 178 -0.02 -2.04 0.33
CA VAL A 178 0.15 -3.22 1.18
C VAL A 178 1.33 -4.09 0.76
N PHE A 179 1.76 -4.03 -0.50
CA PHE A 179 2.88 -4.86 -0.95
C PHE A 179 4.23 -4.29 -0.56
N TRP A 180 4.25 -3.13 0.09
CA TRP A 180 5.46 -2.59 0.70
C TRP A 180 5.40 -2.63 2.22
N TYR A 181 4.34 -3.19 2.80
CA TYR A 181 4.06 -3.08 4.22
C TYR A 181 4.46 -4.33 4.98
N ALA A 182 4.86 -4.12 6.24
CA ALA A 182 5.26 -5.19 7.14
C ALA A 182 4.03 -5.86 7.74
N PRO A 183 4.19 -7.08 8.29
CA PRO A 183 3.02 -7.79 8.83
C PRO A 183 2.27 -7.04 9.92
N GLU A 184 2.99 -6.34 10.81
CA GLU A 184 2.29 -5.60 11.85
C GLU A 184 1.43 -4.47 11.27
N CYS A 185 1.83 -3.92 10.12
CA CYS A 185 1.02 -2.90 9.47
C CYS A 185 -0.22 -3.51 8.83
N LEU A 186 -0.06 -4.68 8.19
CA LEU A 186 -1.19 -5.33 7.53
C LEU A 186 -2.19 -5.87 8.54
N MET A 187 -1.71 -6.51 9.61
CA MET A 187 -2.61 -7.19 10.53
C MET A 187 -3.24 -6.24 11.54
N GLN A 188 -2.53 -5.21 11.97
CA GLN A 188 -2.97 -4.39 13.09
C GLN A 188 -2.93 -2.89 12.83
N SER A 189 -2.46 -2.45 11.67
CA SER A 189 -2.26 -1.03 11.37
C SER A 189 -1.27 -0.36 12.32
N LYS A 190 -0.40 -1.15 12.96
CA LYS A 190 0.67 -0.61 13.78
C LYS A 190 1.86 -0.29 12.91
N PHE A 191 2.48 0.87 13.14
CA PHE A 191 3.61 1.33 12.34
C PHE A 191 4.77 1.70 13.24
N TYR A 192 5.78 0.83 13.27
CA TYR A 192 7.03 1.08 13.94
C TYR A 192 7.98 1.81 13.01
N ILE A 193 9.11 2.27 13.55
CA ILE A 193 10.21 2.68 12.71
C ILE A 193 10.70 1.51 11.88
N ALA A 194 10.69 0.31 12.48
CA ALA A 194 11.05 -0.91 11.76
C ALA A 194 10.10 -1.20 10.60
N SER A 195 8.89 -0.63 10.62
CA SER A 195 7.98 -0.81 9.50
C SER A 195 8.52 -0.10 8.25
N ASP A 196 9.17 1.04 8.43
CA ASP A 196 9.82 1.70 7.30
C ASP A 196 11.07 0.95 6.86
N VAL A 197 11.71 0.21 7.79
CA VAL A 197 12.83 -0.63 7.40
C VAL A 197 12.39 -1.74 6.48
N TRP A 198 11.22 -2.34 6.77
CA TRP A 198 10.63 -3.33 5.86
C TRP A 198 10.42 -2.72 4.48
N SER A 199 9.83 -1.52 4.43
CA SER A 199 9.57 -0.88 3.15
C SER A 199 10.87 -0.55 2.41
N PHE A 200 11.96 -0.30 3.14
CA PHE A 200 13.23 -0.02 2.47
C PHE A 200 13.76 -1.24 1.73
N GLY A 201 13.69 -2.41 2.36
CA GLY A 201 14.12 -3.63 1.68
C GLY A 201 13.37 -3.89 0.40
N VAL A 202 12.06 -3.60 0.41
CA VAL A 202 11.27 -3.71 -0.82
C VAL A 202 11.72 -2.67 -1.84
N THR A 203 11.96 -1.44 -1.38
CA THR A 203 12.44 -0.40 -2.28
C THR A 203 13.84 -0.71 -2.79
N LEU A 204 14.68 -1.31 -1.95
CA LEU A 204 16.00 -1.74 -2.41
C LEU A 204 15.88 -2.82 -3.47
N HIS A 205 14.88 -3.69 -3.35
CA HIS A 205 14.63 -4.69 -4.38
C HIS A 205 14.24 -4.02 -5.70
N GLU A 206 13.42 -2.97 -5.63
CA GLU A 206 13.10 -2.21 -6.84
C GLU A 206 14.34 -1.57 -7.45
N LEU A 207 15.20 -1.01 -6.60
CA LEU A 207 16.39 -0.33 -7.09
C LEU A 207 17.33 -1.28 -7.81
N LEU A 208 17.42 -2.53 -7.35
CA LEU A 208 18.31 -3.48 -7.98
C LEU A 208 17.70 -4.11 -9.22
N THR A 209 16.39 -4.22 -9.28
CA THR A 209 15.70 -4.69 -10.49
C THR A 209 15.43 -3.57 -11.48
N TYR A 210 15.96 -2.37 -11.22
CA TYR A 210 15.78 -1.21 -12.09
C TYR A 210 14.29 -0.89 -12.31
N CYS A 211 13.47 -1.19 -11.30
CA CYS A 211 12.03 -0.93 -11.33
C CYS A 211 11.36 -1.61 -12.52
N ASP A 212 11.70 -2.87 -12.73
CA ASP A 212 11.06 -3.65 -13.78
C ASP A 212 9.63 -3.98 -13.39
N SER A 213 8.71 -3.85 -14.35
CA SER A 213 7.30 -4.10 -14.07
C SER A 213 7.03 -5.58 -13.83
N ASP A 214 7.67 -6.45 -14.61
CA ASP A 214 7.44 -7.89 -14.47
C ASP A 214 8.04 -8.44 -13.18
N SER A 215 9.00 -7.73 -12.57
CA SER A 215 9.59 -8.13 -11.30
C SER A 215 9.19 -7.19 -10.16
N SER A 216 8.07 -6.49 -10.31
CA SER A 216 7.62 -5.57 -9.28
C SER A 216 7.22 -6.33 -8.02
N PRO A 217 7.24 -5.68 -6.86
CA PRO A 217 6.83 -6.36 -5.62
C PRO A 217 5.42 -6.92 -5.67
N MET A 218 4.49 -6.21 -6.33
CA MET A 218 3.12 -6.70 -6.43
C MET A 218 3.04 -7.93 -7.32
N ALA A 219 3.67 -7.88 -8.49
CA ALA A 219 3.62 -9.00 -9.43
C ALA A 219 4.23 -10.26 -8.82
N LEU A 220 5.35 -10.11 -8.11
CA LEU A 220 6.01 -11.27 -7.54
C LEU A 220 5.20 -11.86 -6.38
N PHE A 221 4.63 -11.01 -5.53
CA PHE A 221 3.83 -11.52 -4.41
C PHE A 221 2.54 -12.16 -4.91
N LEU A 222 1.90 -11.57 -5.92
CA LEU A 222 0.71 -12.17 -6.49
C LEU A 222 1.03 -13.54 -7.09
N LYS A 223 2.24 -13.73 -7.60
CA LYS A 223 2.65 -15.06 -8.04
C LYS A 223 2.73 -16.03 -6.88
N MET A 224 3.31 -15.61 -5.76
CA MET A 224 3.38 -16.48 -4.59
C MET A 224 1.99 -16.78 -4.04
N ILE A 225 1.10 -15.79 -4.05
CA ILE A 225 -0.23 -15.95 -3.49
C ILE A 225 -1.07 -16.87 -4.36
N GLY A 226 -1.02 -16.67 -5.68
CA GLY A 226 -1.90 -17.37 -6.58
C GLY A 226 -3.12 -16.52 -6.89
N PRO A 227 -4.19 -17.17 -7.36
CA PRO A 227 -5.41 -16.40 -7.69
C PRO A 227 -5.99 -15.72 -6.47
N THR A 228 -6.23 -14.42 -6.60
CA THR A 228 -6.77 -13.63 -5.51
C THR A 228 -7.33 -12.31 -6.05
N HIS A 229 -8.31 -11.78 -5.34
CA HIS A 229 -8.84 -10.44 -5.62
C HIS A 229 -9.58 -9.95 -4.38
N GLY A 230 -9.95 -8.68 -4.42
CA GLY A 230 -10.64 -8.08 -3.28
C GLY A 230 -9.73 -7.92 -2.08
N GLN A 231 -10.35 -7.55 -0.96
CA GLN A 231 -9.59 -7.34 0.27
C GLN A 231 -9.01 -8.62 0.84
N MET A 232 -9.51 -9.78 0.40
CA MET A 232 -8.92 -11.05 0.81
C MET A 232 -7.50 -11.19 0.31
N THR A 233 -7.09 -10.38 -0.67
CA THR A 233 -5.69 -10.32 -1.08
C THR A 233 -4.78 -9.96 0.10
N VAL A 234 -5.25 -9.06 0.96
CA VAL A 234 -4.49 -8.69 2.15
C VAL A 234 -4.33 -9.89 3.08
N THR A 235 -5.42 -10.63 3.30
CA THR A 235 -5.36 -11.82 4.14
C THR A 235 -4.35 -12.83 3.59
N ARG A 236 -4.41 -13.10 2.29
CA ARG A 236 -3.50 -14.06 1.69
C ARG A 236 -2.07 -13.55 1.67
N LEU A 237 -1.88 -12.24 1.55
CA LEU A 237 -0.54 -11.67 1.62
C LEU A 237 0.07 -11.89 3.01
N VAL A 238 -0.72 -11.70 4.06
CA VAL A 238 -0.23 -11.95 5.42
C VAL A 238 0.11 -13.42 5.60
N ASN A 239 -0.75 -14.32 5.10
CA ASN A 239 -0.46 -15.74 5.22
C ASN A 239 0.79 -16.14 4.44
N THR A 240 1.05 -15.48 3.31
CA THR A 240 2.27 -15.74 2.57
C THR A 240 3.50 -15.29 3.36
N LEU A 241 3.42 -14.11 3.99
CA LEU A 241 4.53 -13.66 4.84
C LEU A 241 4.68 -14.55 6.07
N LYS A 242 3.57 -15.09 6.60
CA LYS A 242 3.66 -16.01 7.73
C LYS A 242 4.32 -17.33 7.35
N GLU A 243 4.36 -17.66 6.07
CA GLU A 243 5.04 -18.85 5.59
C GLU A 243 6.52 -18.61 5.31
N GLY A 244 7.03 -17.44 5.68
CA GLY A 244 8.44 -17.15 5.47
C GLY A 244 8.81 -16.84 4.03
N LYS A 245 7.84 -16.48 3.20
CA LYS A 245 8.10 -16.20 1.79
C LYS A 245 8.39 -14.72 1.61
N ARG A 246 9.47 -14.42 0.90
CA ARG A 246 9.90 -13.05 0.65
C ARG A 246 10.28 -12.91 -0.82
N LEU A 247 10.55 -11.67 -1.23
CA LEU A 247 10.95 -11.43 -2.60
C LEU A 247 12.30 -12.09 -2.86
N PRO A 248 12.48 -12.71 -4.02
CA PRO A 248 13.74 -13.43 -4.29
C PRO A 248 14.89 -12.46 -4.51
N CYS A 249 16.09 -13.02 -4.50
CA CYS A 249 17.28 -12.22 -4.76
C CYS A 249 17.26 -11.72 -6.19
N PRO A 250 17.35 -10.40 -6.42
CA PRO A 250 17.31 -9.92 -7.79
C PRO A 250 18.50 -10.43 -8.57
N PRO A 251 18.37 -10.54 -9.89
CA PRO A 251 19.52 -10.98 -10.70
C PRO A 251 20.64 -9.95 -10.66
N ASN A 252 21.87 -10.46 -10.73
CA ASN A 252 23.08 -9.64 -10.68
C ASN A 252 23.18 -8.84 -9.39
N CYS A 253 22.65 -9.41 -8.29
CA CYS A 253 22.73 -8.79 -6.98
C CYS A 253 23.61 -9.66 -6.08
N PRO A 254 24.74 -9.15 -5.60
CA PRO A 254 25.63 -9.97 -4.79
C PRO A 254 24.97 -10.40 -3.48
N ASP A 255 25.54 -11.46 -2.89
CA ASP A 255 24.97 -12.02 -1.67
C ASP A 255 25.06 -11.07 -0.49
N GLU A 256 26.14 -10.27 -0.41
CA GLU A 256 26.28 -9.35 0.71
C GLU A 256 25.18 -8.31 0.72
N VAL A 257 24.69 -7.90 -0.45
CA VAL A 257 23.62 -6.91 -0.50
C VAL A 257 22.27 -7.55 -0.20
N TYR A 258 22.05 -8.78 -0.67
CA TYR A 258 20.77 -9.44 -0.43
C TYR A 258 20.60 -9.83 1.03
N GLN A 259 21.71 -10.11 1.73
CA GLN A 259 21.61 -10.41 3.16
C GLN A 259 21.13 -9.20 3.94
N LEU A 260 21.64 -8.00 3.62
CA LEU A 260 21.11 -6.79 4.22
C LEU A 260 19.65 -6.57 3.85
N MET A 261 19.27 -7.00 2.64
CA MET A 261 17.87 -6.87 2.23
C MET A 261 16.97 -7.81 3.04
N ARG A 262 17.47 -8.99 3.38
CA ARG A 262 16.68 -9.93 4.16
C ARG A 262 16.56 -9.50 5.62
N LYS A 263 17.56 -8.78 6.14
CA LYS A 263 17.48 -8.26 7.50
C LYS A 263 16.31 -7.29 7.68
N CYS A 264 15.83 -6.69 6.60
CA CYS A 264 14.68 -5.80 6.64
C CYS A 264 13.36 -6.55 6.66
N TRP A 265 13.35 -7.84 6.37
CA TRP A 265 12.13 -8.59 6.17
C TRP A 265 11.85 -9.61 7.27
N GLU A 266 12.57 -9.53 8.39
CA GLU A 266 12.21 -10.32 9.55
C GLU A 266 10.76 -10.05 9.94
N PHE A 267 10.02 -11.11 10.25
CA PHE A 267 8.61 -10.96 10.59
C PHE A 267 8.43 -10.07 11.81
N GLN A 268 9.26 -10.27 12.82
CA GLN A 268 9.18 -9.47 14.04
C GLN A 268 9.86 -8.12 13.82
N PRO A 269 9.21 -7.01 14.18
CA PRO A 269 9.89 -5.71 14.08
C PRO A 269 11.17 -5.63 14.90
N SER A 270 11.23 -6.30 16.05
CA SER A 270 12.40 -6.23 16.91
C SER A 270 13.59 -7.01 16.32
N ASN A 271 13.35 -7.92 15.38
CA ASN A 271 14.43 -8.68 14.77
C ASN A 271 15.03 -7.99 13.55
N ARG A 272 14.39 -6.93 13.05
CA ARG A 272 14.89 -6.25 11.87
C ARG A 272 16.06 -5.35 12.22
N THR A 273 16.90 -5.08 11.21
CA THR A 273 18.01 -4.16 11.40
C THR A 273 17.50 -2.72 11.43
N SER A 274 18.36 -1.82 11.87
CA SER A 274 18.04 -0.41 11.90
C SER A 274 18.65 0.30 10.69
N PHE A 275 18.24 1.56 10.50
CA PHE A 275 18.79 2.32 9.37
C PHE A 275 20.26 2.63 9.56
N GLN A 276 20.70 2.87 10.80
CA GLN A 276 22.11 3.17 11.01
C GLN A 276 22.99 1.95 10.78
N ASN A 277 22.48 0.75 11.06
CA ASN A 277 23.22 -0.46 10.73
C ASN A 277 23.19 -0.77 9.25
N LEU A 278 22.15 -0.29 8.54
CA LEU A 278 22.14 -0.41 7.08
C LEU A 278 23.17 0.50 6.44
N ILE A 279 23.31 1.73 6.96
CA ILE A 279 24.32 2.65 6.45
C ILE A 279 25.71 2.05 6.62
N GLU A 280 25.99 1.48 7.80
CA GLU A 280 27.28 0.83 8.02
C GLU A 280 27.45 -0.40 7.14
N GLY A 281 26.35 -1.07 6.80
CA GLY A 281 26.45 -2.24 5.94
C GLY A 281 26.81 -1.90 4.51
N PHE A 282 26.14 -0.88 3.95
CA PHE A 282 26.41 -0.49 2.58
C PHE A 282 27.75 0.23 2.45
N GLU A 283 28.12 1.03 3.46
CA GLU A 283 29.41 1.72 3.40
C GLU A 283 30.58 0.75 3.52
N ALA A 284 30.37 -0.40 4.15
CA ALA A 284 31.42 -1.41 4.22
C ALA A 284 31.67 -2.07 2.88
N LEU A 285 30.72 -1.96 1.95
CA LEU A 285 30.86 -2.53 0.62
C LEU A 285 31.36 -1.53 -0.41
N LEU A 286 31.67 -0.30 0.01
CA LEU A 286 32.13 0.74 -0.90
C LEU A 286 33.53 1.21 -0.54
N SER B 1 -5.71 -1.19 -8.19
CA SER B 1 -5.43 -2.55 -7.72
C SER B 1 -4.17 -2.56 -6.85
N THR B 2 -3.52 -1.40 -6.74
CA THR B 2 -2.26 -1.32 -6.00
C THR B 2 -2.50 -1.24 -4.50
N HIS B 3 -3.47 -0.44 -4.07
CA HIS B 3 -3.68 -0.15 -2.67
C HIS B 3 -4.93 -0.85 -2.14
N PHE B 4 -4.84 -1.26 -0.87
CA PHE B 4 -5.96 -1.82 -0.13
C PHE B 4 -6.02 -1.17 1.25
N ARG B 5 -6.95 -1.64 2.08
CA ARG B 5 -7.02 -1.23 3.47
C ARG B 5 -6.40 -2.32 4.34
N THR B 6 -5.48 -1.92 5.21
CA THR B 6 -4.94 -2.85 6.20
C THR B 6 -6.01 -3.17 7.23
N PHE B 7 -5.83 -4.30 7.91
CA PHE B 7 -6.73 -4.65 9.00
C PHE B 7 -6.62 -3.63 10.13
N ARG B 8 -7.78 -3.21 10.65
CA ARG B 8 -7.80 -2.16 11.67
C ARG B 8 -7.32 -2.64 13.02
N SER B 9 -7.34 -3.95 13.29
CA SER B 9 -6.94 -4.46 14.58
C SER B 9 -6.65 -5.95 14.47
N GLN B 10 -5.99 -6.49 15.50
CA GLN B 10 -5.75 -7.92 15.56
C GLN B 10 -7.07 -8.69 15.69
N ALA B 11 -8.04 -8.11 16.42
CA ALA B 11 -9.34 -8.75 16.55
C ALA B 11 -10.05 -8.85 15.20
N ASP B 12 -9.93 -7.81 14.38
CA ASP B 12 -10.50 -7.87 13.04
C ASP B 12 -9.81 -8.93 12.19
N PHE B 13 -8.48 -9.01 12.28
CA PHE B 13 -7.75 -10.04 11.55
C PHE B 13 -8.11 -11.43 12.05
N SER B 14 -8.32 -11.57 13.35
CA SER B 14 -8.74 -12.86 13.89
C SER B 14 -10.14 -13.23 13.40
N SER B 15 -10.99 -12.24 13.16
CA SER B 15 -12.34 -12.53 12.68
C SER B 15 -12.32 -13.07 11.25
N ILE B 16 -11.47 -12.50 10.41
CA ILE B 16 -11.43 -12.90 9.00
C ILE B 16 -10.73 -14.24 8.84
N THR B 17 -9.64 -14.47 9.57
CA THR B 17 -8.98 -15.77 9.50
C THR B 17 -9.84 -16.87 10.11
N ARG B 18 -10.63 -16.53 11.14
CA ARG B 18 -11.59 -17.48 11.68
C ARG B 18 -12.67 -17.82 10.66
N ALA B 19 -13.14 -16.81 9.92
CA ALA B 19 -14.14 -17.05 8.89
C ALA B 19 -13.54 -17.80 7.71
N SER B 20 -12.33 -17.43 7.30
CA SER B 20 -11.67 -18.15 6.21
C SER B 20 -11.43 -19.60 6.57
N SER B 21 -11.10 -19.87 7.83
CA SER B 21 -10.89 -21.24 8.29
C SER B 21 -12.18 -22.04 8.26
N LEU B 22 -13.30 -21.42 8.67
CA LEU B 22 -14.59 -22.11 8.61
C LEU B 22 -15.06 -22.28 7.17
N LEU B 23 -14.71 -21.34 6.28
CA LEU B 23 -15.14 -21.46 4.89
C LEU B 23 -14.38 -22.58 4.17
N ASP B 24 -13.11 -22.78 4.52
CA ASP B 24 -12.36 -23.88 3.93
C ASP B 24 -12.92 -25.23 4.35
N ALA B 25 -13.58 -25.29 5.51
CA ALA B 25 -14.15 -26.54 5.99
C ALA B 25 -15.40 -26.90 5.22
N CYS B 26 -16.26 -25.92 4.94
CA CYS B 26 -17.48 -26.18 4.19
C CYS B 26 -17.15 -26.33 2.71
N GLY B 27 -18.04 -27.04 2.00
CA GLY B 27 -17.83 -27.32 0.60
C GLY B 27 -18.32 -26.26 -0.38
N PHE B 28 -19.01 -25.23 0.11
CA PHE B 28 -19.61 -24.22 -0.77
C PHE B 28 -18.86 -22.90 -0.72
N TYR B 29 -17.55 -22.94 -0.50
CA TYR B 29 -16.70 -21.75 -0.57
C TYR B 29 -15.74 -21.93 -1.73
N TRP B 30 -15.78 -20.99 -2.67
CA TRP B 30 -15.02 -21.10 -3.92
C TRP B 30 -13.89 -20.09 -4.03
N GLY B 31 -13.67 -19.27 -3.00
CA GLY B 31 -12.54 -18.37 -2.97
C GLY B 31 -12.62 -17.27 -4.01
N PRO B 32 -11.54 -17.11 -4.78
CA PRO B 32 -11.46 -16.01 -5.76
C PRO B 32 -12.25 -16.28 -7.03
N LEU B 33 -13.56 -16.39 -6.89
CA LEU B 33 -14.46 -16.46 -8.04
C LEU B 33 -14.95 -15.06 -8.40
N THR B 34 -14.88 -14.72 -9.67
CA THR B 34 -15.37 -13.43 -10.12
C THR B 34 -16.89 -13.43 -10.20
N VAL B 35 -17.47 -12.27 -10.54
CA VAL B 35 -18.91 -12.17 -10.63
C VAL B 35 -19.43 -12.98 -11.82
N SER B 36 -18.75 -12.90 -12.96
CA SER B 36 -19.21 -13.63 -14.13
C SER B 36 -18.98 -15.12 -13.99
N ALA B 37 -17.85 -15.52 -13.37
CA ALA B 37 -17.55 -16.93 -13.21
C ALA B 37 -18.51 -17.59 -12.23
N ALA B 38 -18.88 -16.88 -11.17
CA ALA B 38 -19.82 -17.45 -10.20
C ALA B 38 -21.22 -17.55 -10.79
N HIS B 39 -21.63 -16.56 -11.58
CA HIS B 39 -22.97 -16.58 -12.15
C HIS B 39 -23.13 -17.65 -13.22
N GLU B 40 -22.04 -18.00 -13.92
CA GLU B 40 -22.11 -19.07 -14.90
C GLU B 40 -22.33 -20.41 -14.23
N LYS B 41 -21.74 -20.62 -13.06
CA LYS B 41 -21.94 -21.87 -12.33
C LYS B 41 -23.32 -21.96 -11.69
N LEU B 42 -24.03 -20.84 -11.53
CA LEU B 42 -25.30 -20.81 -10.83
C LEU B 42 -26.51 -20.69 -11.74
N LYS B 43 -26.33 -20.27 -12.99
CA LYS B 43 -27.49 -20.00 -13.86
C LYS B 43 -28.28 -21.26 -14.17
N SER B 44 -27.66 -22.44 -14.06
CA SER B 44 -28.32 -23.70 -14.37
C SER B 44 -28.76 -24.47 -13.13
N GLU B 45 -28.56 -23.92 -11.94
CA GLU B 45 -28.95 -24.58 -10.71
C GLU B 45 -30.38 -24.22 -10.35
N PRO B 46 -31.03 -25.03 -9.51
CA PRO B 46 -32.39 -24.67 -9.06
C PRO B 46 -32.39 -23.35 -8.29
N GLU B 47 -33.55 -22.70 -8.29
CA GLU B 47 -33.67 -21.39 -7.67
C GLU B 47 -33.41 -21.48 -6.17
N GLY B 48 -32.57 -20.56 -5.68
CA GLY B 48 -32.21 -20.54 -4.28
C GLY B 48 -30.85 -21.11 -3.96
N THR B 49 -30.17 -21.70 -4.96
CA THR B 49 -28.83 -22.23 -4.75
C THR B 49 -27.84 -21.09 -4.56
N PHE B 50 -27.18 -21.06 -3.41
CA PHE B 50 -26.28 -19.98 -3.06
C PHE B 50 -24.83 -20.46 -3.04
N LEU B 51 -23.92 -19.50 -2.90
CA LEU B 51 -22.49 -19.75 -3.01
C LEU B 51 -21.75 -18.66 -2.24
N ILE B 52 -20.62 -19.04 -1.65
CA ILE B 52 -19.75 -18.12 -0.92
C ILE B 52 -18.44 -18.00 -1.67
N ARG B 53 -17.97 -16.76 -1.84
CA ARG B 53 -16.72 -16.50 -2.55
C ARG B 53 -16.12 -15.22 -2.01
N ASP B 54 -14.91 -14.91 -2.47
CA ASP B 54 -14.27 -13.66 -2.13
C ASP B 54 -14.82 -12.55 -3.02
N SER B 55 -15.10 -11.39 -2.42
CA SER B 55 -15.55 -10.24 -3.18
C SER B 55 -14.41 -9.71 -4.05
N THR B 56 -14.79 -9.02 -5.12
CA THR B 56 -13.82 -8.41 -6.02
C THR B 56 -13.49 -6.97 -5.66
N GLN B 57 -14.33 -6.32 -4.85
CA GLN B 57 -14.10 -4.94 -4.47
C GLN B 57 -12.97 -4.83 -3.45
N LYS B 58 -12.28 -3.69 -3.48
CA LYS B 58 -11.13 -3.50 -2.59
C LYS B 58 -11.54 -3.47 -1.12
N ASN B 59 -12.73 -2.95 -0.81
CA ASN B 59 -13.14 -2.70 0.56
C ASN B 59 -14.04 -3.79 1.12
N CYS B 60 -14.19 -4.91 0.42
CA CYS B 60 -15.07 -5.98 0.86
C CYS B 60 -14.31 -7.30 0.87
N PHE B 61 -14.63 -8.16 1.84
CA PHE B 61 -13.97 -9.46 1.98
C PHE B 61 -14.73 -10.53 1.21
N PHE B 62 -15.91 -10.90 1.68
CA PHE B 62 -16.69 -11.99 1.12
C PHE B 62 -17.96 -11.49 0.45
N ALA B 63 -18.52 -12.32 -0.41
CA ALA B 63 -19.79 -12.03 -1.05
C ALA B 63 -20.55 -13.34 -1.27
N ILE B 64 -21.87 -13.23 -1.36
CA ILE B 64 -22.74 -14.36 -1.64
C ILE B 64 -23.26 -14.23 -3.06
N SER B 65 -23.33 -15.35 -3.78
CA SER B 65 -23.92 -15.41 -5.11
C SER B 65 -25.04 -16.44 -5.08
N VAL B 66 -26.26 -16.00 -5.38
CA VAL B 66 -27.43 -16.86 -5.37
C VAL B 66 -28.18 -16.68 -6.70
N LYS B 67 -29.03 -17.65 -7.01
CA LYS B 67 -29.92 -17.57 -8.17
C LYS B 67 -31.33 -17.27 -7.68
N THR B 68 -31.89 -16.15 -8.15
CA THR B 68 -33.24 -15.75 -7.82
C THR B 68 -34.15 -16.00 -9.02
N ALA B 69 -35.33 -15.36 -9.03
CA ALA B 69 -36.25 -15.53 -10.14
C ALA B 69 -35.69 -14.93 -11.42
N THR B 70 -34.91 -13.85 -11.32
CA THR B 70 -34.34 -13.18 -12.48
C THR B 70 -32.97 -13.72 -12.87
N GLY B 71 -32.45 -14.72 -12.16
CA GLY B 71 -31.17 -15.30 -12.48
C GLY B 71 -30.16 -15.14 -11.37
N PRO B 72 -28.89 -15.45 -11.67
CA PRO B 72 -27.85 -15.36 -10.63
C PRO B 72 -27.51 -13.91 -10.31
N THR B 73 -27.46 -13.60 -9.02
CA THR B 73 -27.09 -12.27 -8.55
C THR B 73 -26.11 -12.44 -7.40
N SER B 74 -25.56 -11.30 -6.93
CA SER B 74 -24.57 -11.30 -5.87
C SER B 74 -24.90 -10.22 -4.85
N ILE B 75 -24.65 -10.54 -3.58
CA ILE B 75 -24.91 -9.62 -2.47
C ILE B 75 -23.62 -9.48 -1.65
N ARG B 76 -23.32 -8.25 -1.24
CA ARG B 76 -22.15 -7.98 -0.43
C ARG B 76 -22.37 -8.41 1.02
N ILE B 77 -21.28 -8.88 1.64
CA ILE B 77 -21.26 -9.18 3.07
C ILE B 77 -20.45 -8.08 3.74
N ASN B 78 -21.13 -7.15 4.41
CA ASN B 78 -20.45 -6.06 5.08
C ASN B 78 -19.79 -6.55 6.37
N PHE B 79 -18.55 -6.15 6.59
CA PHE B 79 -17.79 -6.50 7.77
C PHE B 79 -17.35 -5.23 8.48
N GLN B 80 -17.61 -5.15 9.79
CA GLN B 80 -17.23 -3.97 10.55
C GLN B 80 -17.07 -4.37 12.01
N THR B 81 -15.84 -4.26 12.52
CA THR B 81 -15.54 -4.51 13.93
C THR B 81 -15.99 -5.90 14.36
N GLY B 82 -15.55 -6.91 13.61
CA GLY B 82 -15.90 -8.28 13.95
C GLY B 82 -17.34 -8.66 13.69
N ARG B 83 -18.13 -7.77 13.11
CA ARG B 83 -19.54 -8.00 12.84
C ARG B 83 -19.77 -8.16 11.34
N PHE B 84 -20.58 -9.14 10.97
CA PHE B 84 -20.95 -9.39 9.60
C PHE B 84 -22.41 -9.01 9.38
N SER B 85 -22.68 -8.37 8.25
CA SER B 85 -24.04 -7.93 7.92
C SER B 85 -24.22 -7.92 6.42
N LEU B 86 -25.44 -8.21 5.98
CA LEU B 86 -25.76 -8.17 4.56
C LEU B 86 -25.89 -6.73 4.08
N ASP B 87 -25.71 -6.55 2.76
CA ASP B 87 -25.71 -5.21 2.19
C ASP B 87 -27.07 -4.52 2.36
N GLY B 88 -28.15 -5.28 2.34
CA GLY B 88 -29.47 -4.71 2.53
C GLY B 88 -30.17 -5.22 3.76
N SER B 89 -29.49 -5.17 4.91
CA SER B 89 -30.05 -5.67 6.15
C SER B 89 -29.42 -4.95 7.32
N LYS B 90 -30.08 -5.05 8.48
CA LYS B 90 -29.63 -4.42 9.71
C LYS B 90 -29.38 -5.46 10.81
N GLU B 91 -29.08 -6.69 10.43
CA GLU B 91 -28.82 -7.78 11.36
C GLU B 91 -27.32 -8.08 11.33
N THR B 92 -26.64 -7.80 12.44
CA THR B 92 -25.21 -8.04 12.57
C THR B 92 -24.95 -9.34 13.31
N PHE B 93 -23.86 -10.01 12.94
CA PHE B 93 -23.49 -11.29 13.54
C PHE B 93 -22.00 -11.29 13.84
N ASP B 94 -21.62 -11.87 14.97
CA ASP B 94 -20.21 -12.00 15.33
C ASP B 94 -19.51 -13.13 14.58
N CYS B 95 -20.26 -14.00 13.91
CA CYS B 95 -19.69 -15.08 13.12
C CYS B 95 -20.33 -15.08 11.73
N LEU B 96 -19.54 -15.48 10.73
CA LEU B 96 -20.04 -15.50 9.37
C LEU B 96 -21.04 -16.64 9.17
N PHE B 97 -20.80 -17.80 9.79
CA PHE B 97 -21.71 -18.93 9.63
C PHE B 97 -22.97 -18.78 10.48
N LYS B 98 -22.94 -17.95 11.52
CA LYS B 98 -24.19 -17.59 12.19
C LYS B 98 -25.03 -16.68 11.31
N LEU B 99 -24.37 -15.88 10.46
CA LEU B 99 -25.10 -15.08 9.48
C LEU B 99 -25.79 -15.96 8.44
N LEU B 100 -25.14 -17.02 8.01
CA LEU B 100 -25.73 -17.91 7.02
C LEU B 100 -26.86 -18.75 7.62
N GLU B 101 -26.63 -19.30 8.82
CA GLU B 101 -27.66 -20.10 9.47
C GLU B 101 -28.91 -19.30 9.79
N HIS B 102 -28.80 -17.98 9.84
CA HIS B 102 -29.96 -17.13 10.11
C HIS B 102 -30.85 -17.01 8.88
N TYR B 103 -30.26 -16.69 7.73
CA TYR B 103 -31.04 -16.49 6.51
C TYR B 103 -31.54 -17.80 5.91
N LEU B 104 -31.02 -18.95 6.36
CA LEU B 104 -31.63 -20.22 6.02
C LEU B 104 -32.98 -20.42 6.70
N SER B 105 -33.30 -19.58 7.69
CA SER B 105 -34.60 -19.61 8.36
C SER B 105 -35.36 -18.30 8.19
N SER B 106 -34.86 -17.38 7.37
CA SER B 106 -35.51 -16.10 7.16
C SER B 106 -36.82 -16.30 6.38
N PRO B 107 -37.83 -15.45 6.64
CA PRO B 107 -39.10 -15.59 5.89
C PRO B 107 -38.96 -15.30 4.41
N ARG B 108 -37.86 -14.69 3.97
CA ARG B 108 -37.68 -14.44 2.54
C ARG B 108 -37.35 -15.73 1.79
N LYS B 109 -36.71 -16.69 2.46
CA LYS B 109 -36.37 -17.98 1.87
C LYS B 109 -35.50 -17.83 0.62
N VAL B 110 -34.53 -16.92 0.69
CA VAL B 110 -33.65 -16.68 -0.45
C VAL B 110 -32.62 -17.80 -0.58
N LEU B 111 -31.96 -18.16 0.52
CA LEU B 111 -30.96 -19.21 0.52
C LEU B 111 -31.58 -20.50 1.05
N VAL B 112 -31.28 -21.62 0.38
CA VAL B 112 -31.87 -22.90 0.75
C VAL B 112 -30.84 -24.02 0.61
N THR B 113 -30.14 -24.06 -0.53
CA THR B 113 -29.22 -25.15 -0.84
C THR B 113 -27.89 -24.58 -1.29
N PRO B 114 -26.77 -25.03 -0.74
CA PRO B 114 -25.46 -24.52 -1.16
C PRO B 114 -24.85 -25.32 -2.31
N LEU B 115 -24.12 -24.62 -3.16
CA LEU B 115 -23.42 -25.23 -4.28
C LEU B 115 -22.04 -25.67 -3.83
N ARG B 116 -21.83 -26.98 -3.76
CA ARG B 116 -20.57 -27.53 -3.27
C ARG B 116 -19.62 -27.79 -4.43
N LYS B 117 -18.34 -27.96 -4.08
CA LYS B 117 -17.30 -28.24 -5.07
C LYS B 117 -17.23 -29.74 -5.37
PB ADP C . 0.95 10.96 -4.32
O1B ADP C . -0.32 11.65 -4.79
O2B ADP C . 1.56 11.61 -3.11
O3B ADP C . 0.87 9.46 -4.26
PA ADP C . 3.45 11.92 -5.25
O1A ADP C . 4.33 10.85 -4.64
O2A ADP C . 3.28 13.26 -4.57
O3A ADP C . 2.00 11.26 -5.51
O5' ADP C . 3.93 12.17 -6.75
C5' ADP C . 3.70 11.16 -7.74
C4' ADP C . 4.69 11.32 -8.89
O4' ADP C . 4.95 12.71 -9.12
C3' ADP C . 6.02 10.67 -8.58
O3' ADP C . 6.15 9.44 -9.30
C2' ADP C . 7.07 11.66 -9.02
O2' ADP C . 7.79 11.13 -10.14
C1' ADP C . 6.33 12.92 -9.42
N9 ADP C . 6.84 14.06 -8.64
C8 ADP C . 6.30 14.56 -7.51
N7 ADP C . 7.02 15.60 -7.03
C5 ADP C . 8.05 15.79 -7.87
C6 ADP C . 9.20 16.73 -7.95
N6 ADP C . 9.38 17.69 -7.02
N1 ADP C . 10.07 16.58 -8.98
C2 ADP C . 9.89 15.63 -9.91
N3 ADP C . 8.87 14.75 -9.90
C4 ADP C . 7.94 14.78 -8.93
MG MG D . 3.40 8.71 -4.25
MG MG E . 1.39 9.75 -1.49
C1 EDO F . 7.92 -17.31 9.27
O1 EDO F . 9.27 -17.49 9.72
C2 EDO F . 7.57 -15.83 9.27
O2 EDO F . 8.49 -15.12 8.43
C1 EDO G . -4.27 -4.32 17.26
O1 EDO G . -5.38 -4.27 18.17
C2 EDO G . -3.80 -2.91 16.94
O2 EDO G . -4.81 -2.21 16.21
C1 EDO H . -10.78 -3.52 8.99
O1 EDO H . -10.57 -4.83 9.51
C2 EDO H . -10.61 -3.53 7.48
O2 EDO H . -10.75 -2.19 6.97
C ACT I . -18.67 -8.81 -5.96
O ACT I . -19.48 -9.76 -6.05
OXT ACT I . -17.51 -9.04 -6.35
CH3 ACT I . -19.08 -7.47 -5.41
#